data_4G8C
#
_entry.id   4G8C
#
_cell.length_a   42.417
_cell.length_b   129.605
_cell.length_c   44.834
_cell.angle_alpha   90.00
_cell.angle_beta   111.19
_cell.angle_gamma   90.00
#
_symmetry.space_group_name_H-M   'P 1 21 1'
#
loop_
_entity.id
_entity.type
_entity.pdbx_description
1 polymer 'Alpha/beta hydrolase fold protein'
2 non-polymer N-hexanoyl-L-homoserine
3 water water
#
_entity_poly.entity_id   1
_entity_poly.type   'polypeptide(L)'
_entity_poly.pdbx_seq_one_letter_code
;MTINYHELETSHGRIAVRESEGEGAPLLMIHGNSSSGAIFAPQLEGEIGKKWRVIAPDLPGHGKSTDAIDPDRSYSMEGY
ADAMTEVMQQLGIADAVVFGWSLGGHIGIEMIARYPEMRGLMITGTPPVAREEVGQGFKSGPDMALAGQEIFSERDVESY
ARSTCGEPFEASLLDIVARTDGRARRIMFEKFGSGTGGNQRDIVAEAQLPIAVVNGRDGPFVELDFVSKVKFGNLWEGKT
HVIDNAGHAPFREAPAEFDAYLARFIRDCTQLEHHHHHH
;
_entity_poly.pdbx_strand_id   A,B
#
# COMPACT_ATOMS: atom_id res chain seq x y z
N THR A 2 -19.30 25.20 -15.34
CA THR A 2 -18.15 25.72 -14.60
C THR A 2 -17.44 24.59 -13.85
N ILE A 3 -16.15 24.42 -14.15
CA ILE A 3 -15.35 23.45 -13.42
C ILE A 3 -14.63 24.14 -12.26
N ASN A 4 -14.77 23.56 -11.09
CA ASN A 4 -14.14 24.06 -9.88
C ASN A 4 -12.74 23.46 -9.71
N TYR A 5 -11.72 24.26 -9.97
CA TYR A 5 -10.35 23.81 -9.82
C TYR A 5 -9.78 24.28 -8.49
N HIS A 6 -9.15 23.38 -7.75
CA HIS A 6 -8.49 23.77 -6.51
C HIS A 6 -7.41 22.76 -6.16
N GLU A 7 -6.54 23.14 -5.24
CA GLU A 7 -5.40 22.31 -4.90
C GLU A 7 -5.42 21.93 -3.43
N LEU A 8 -5.07 20.69 -3.13
CA LEU A 8 -5.02 20.18 -1.77
C LEU A 8 -3.60 19.93 -1.34
N GLU A 9 -3.25 20.39 -0.15
CA GLU A 9 -1.97 20.00 0.43
C GLU A 9 -2.14 18.63 1.06
N THR A 10 -1.44 17.65 0.53
CA THR A 10 -1.50 16.28 1.06
C THR A 10 -0.12 15.80 1.46
N SER A 11 -0.08 14.66 2.12
CA SER A 11 1.20 14.09 2.54
C SER A 11 2.07 13.70 1.35
N HIS A 12 1.46 13.55 0.18
CA HIS A 12 2.19 13.18 -1.03
C HIS A 12 2.69 14.38 -1.81
N GLY A 13 2.21 15.56 -1.46
CA GLY A 13 2.47 16.76 -2.21
C GLY A 13 1.18 17.52 -2.48
N ARG A 14 1.25 18.55 -3.28
CA ARG A 14 0.08 19.35 -3.57
C ARG A 14 -0.66 18.75 -4.76
N ILE A 15 -1.90 18.34 -4.53
CA ILE A 15 -2.71 17.62 -5.53
CA ILE A 15 -2.66 17.64 -5.56
C ILE A 15 -3.74 18.53 -6.13
N ALA A 16 -3.72 18.66 -7.46
CA ALA A 16 -4.71 19.45 -8.18
C ALA A 16 -5.99 18.62 -8.30
N VAL A 17 -7.12 19.28 -8.09
CA VAL A 17 -8.43 18.64 -8.16
C VAL A 17 -9.38 19.46 -9.02
N ARG A 18 -10.05 18.80 -9.96
CA ARG A 18 -11.14 19.40 -10.72
C ARG A 18 -12.43 18.78 -10.25
N GLU A 19 -13.43 19.63 -10.01
CA GLU A 19 -14.75 19.15 -9.61
C GLU A 19 -15.82 19.78 -10.48
N SER A 20 -16.74 18.95 -10.94
CA SER A 20 -17.91 19.50 -11.63
C SER A 20 -18.87 20.08 -10.58
N GLU A 21 -19.91 20.76 -11.03
CA GLU A 21 -20.85 21.37 -10.10
CA GLU A 21 -20.88 21.41 -10.16
C GLU A 21 -22.10 20.51 -9.89
N GLY A 22 -22.07 19.28 -10.38
CA GLY A 22 -23.18 18.37 -10.19
C GLY A 22 -23.53 18.15 -8.73
N GLU A 23 -24.83 18.06 -8.44
CA GLU A 23 -25.32 17.94 -7.07
C GLU A 23 -25.53 16.49 -6.67
N GLY A 24 -25.39 15.58 -7.62
CA GLY A 24 -25.64 14.17 -7.38
C GLY A 24 -24.48 13.45 -6.72
N ALA A 25 -24.62 12.14 -6.60
CA ALA A 25 -23.61 11.30 -5.99
C ALA A 25 -22.24 11.53 -6.60
N PRO A 26 -21.19 11.37 -5.78
CA PRO A 26 -19.84 11.63 -6.28
C PRO A 26 -19.23 10.49 -7.09
N LEU A 27 -18.46 10.88 -8.11
CA LEU A 27 -17.70 9.98 -8.96
C LEU A 27 -16.25 10.45 -8.96
N LEU A 28 -15.33 9.61 -8.49
CA LEU A 28 -13.91 9.87 -8.61
C LEU A 28 -13.45 9.26 -9.92
N MET A 29 -12.83 10.07 -10.79
CA MET A 29 -12.24 9.58 -12.04
C MET A 29 -10.73 9.67 -11.91
N ILE A 30 -10.04 8.54 -12.12
CA ILE A 30 -8.60 8.47 -11.96
C ILE A 30 -7.94 8.24 -13.31
N HIS A 31 -7.09 9.19 -13.71
CA HIS A 31 -6.43 9.14 -15.01
C HIS A 31 -5.33 8.10 -15.07
N GLY A 32 -4.75 7.97 -16.27
CA GLY A 32 -3.76 6.95 -16.54
C GLY A 32 -2.33 7.46 -16.51
N ASN A 33 -1.43 6.57 -16.91
CA ASN A 33 0.01 6.82 -16.91
C ASN A 33 0.34 8.03 -17.81
N SER A 34 0.94 9.05 -17.23
CA SER A 34 1.38 10.24 -17.97
C SER A 34 0.25 11.09 -18.51
N SER A 35 -0.95 10.94 -17.95
CA SER A 35 -2.02 11.86 -18.31
CA SER A 35 -2.09 11.77 -18.26
C SER A 35 -2.36 12.78 -17.15
N SER A 36 -3.61 13.24 -17.08
CA SER A 36 -4.06 14.10 -15.99
C SER A 36 -5.58 14.07 -15.98
N GLY A 37 -6.17 14.58 -14.91
CA GLY A 37 -7.61 14.65 -14.81
C GLY A 37 -8.24 15.52 -15.89
N ALA A 38 -7.46 16.40 -16.52
CA ALA A 38 -7.98 17.25 -17.60
C ALA A 38 -8.49 16.41 -18.77
N ILE A 39 -8.00 15.19 -18.89
CA ILE A 39 -8.39 14.29 -19.98
C ILE A 39 -9.89 13.93 -19.93
N PHE A 40 -10.49 14.10 -18.75
CA PHE A 40 -11.88 13.76 -18.54
C PHE A 40 -12.81 14.93 -18.81
N ALA A 41 -12.33 15.91 -19.55
CA ALA A 41 -13.17 17.03 -19.98
C ALA A 41 -14.57 16.63 -20.47
N PRO A 42 -14.67 15.57 -21.30
CA PRO A 42 -16.02 15.25 -21.80
C PRO A 42 -17.00 14.89 -20.69
N GLN A 43 -16.51 14.26 -19.63
CA GLN A 43 -17.36 13.92 -18.49
C GLN A 43 -17.53 15.12 -17.55
N LEU A 44 -16.43 15.79 -17.24
CA LEU A 44 -16.48 16.95 -16.36
C LEU A 44 -17.45 18.01 -16.85
N GLU A 45 -17.40 18.29 -18.14
CA GLU A 45 -18.14 19.40 -18.72
C GLU A 45 -19.45 18.99 -19.39
N GLY A 46 -19.70 17.69 -19.47
CA GLY A 46 -20.87 17.16 -20.14
C GLY A 46 -21.96 16.71 -19.20
N GLU A 47 -22.85 15.85 -19.72
CA GLU A 47 -24.03 15.43 -18.97
C GLU A 47 -23.67 14.69 -17.68
N ILE A 48 -22.56 13.95 -17.69
CA ILE A 48 -22.17 13.23 -16.48
C ILE A 48 -21.88 14.23 -15.34
N GLY A 49 -21.02 15.20 -15.64
CA GLY A 49 -20.62 16.19 -14.66
C GLY A 49 -21.71 17.19 -14.28
N LYS A 50 -22.70 17.36 -15.15
CA LYS A 50 -23.81 18.25 -14.83
CA LYS A 50 -23.84 18.23 -14.87
C LYS A 50 -24.73 17.63 -13.78
N LYS A 51 -24.85 16.32 -13.78
CA LYS A 51 -25.70 15.61 -12.82
C LYS A 51 -24.97 15.19 -11.56
N TRP A 52 -23.80 14.56 -11.75
CA TRP A 52 -23.06 13.96 -10.66
C TRP A 52 -21.87 14.82 -10.30
N ARG A 53 -21.41 14.71 -9.05
CA ARG A 53 -20.24 15.42 -8.60
C ARG A 53 -18.99 14.67 -9.07
N VAL A 54 -18.46 15.07 -10.22
CA VAL A 54 -17.30 14.42 -10.80
C VAL A 54 -16.03 15.08 -10.25
N ILE A 55 -15.14 14.24 -9.73
CA ILE A 55 -13.89 14.66 -9.12
C ILE A 55 -12.76 14.01 -9.90
N ALA A 56 -11.90 14.84 -10.48
CA ALA A 56 -10.84 14.36 -11.36
C ALA A 56 -9.52 14.99 -10.93
N PRO A 57 -8.80 14.33 -10.01
CA PRO A 57 -7.53 14.86 -9.52
C PRO A 57 -6.39 14.51 -10.46
N ASP A 58 -5.25 15.16 -10.24
CA ASP A 58 -4.01 14.77 -10.89
C ASP A 58 -3.16 13.97 -9.91
N LEU A 59 -2.72 12.80 -10.34
CA LEU A 59 -1.81 12.02 -9.51
C LEU A 59 -0.53 12.81 -9.24
N PRO A 60 0.13 12.54 -8.10
CA PRO A 60 1.46 13.10 -7.89
C PRO A 60 2.32 12.86 -9.12
N GLY A 61 3.13 13.85 -9.49
CA GLY A 61 4.00 13.74 -10.64
C GLY A 61 3.31 13.96 -11.99
N HIS A 62 2.02 14.27 -11.97
CA HIS A 62 1.21 14.39 -13.18
C HIS A 62 0.43 15.70 -13.19
N GLY A 63 0.11 16.18 -14.39
CA GLY A 63 -0.72 17.35 -14.54
C GLY A 63 -0.28 18.54 -13.72
N LYS A 64 -1.23 19.12 -12.99
CA LYS A 64 -0.98 20.32 -12.20
C LYS A 64 -0.61 20.00 -10.76
N SER A 65 -0.53 18.71 -10.41
CA SER A 65 -0.02 18.34 -9.10
C SER A 65 1.48 18.50 -9.07
N THR A 66 2.05 18.63 -7.87
CA THR A 66 3.50 18.65 -7.75
C THR A 66 4.03 17.25 -7.93
N ASP A 67 5.33 17.15 -8.18
CA ASP A 67 6.01 15.86 -8.08
C ASP A 67 5.83 15.36 -6.66
N ALA A 68 5.94 14.05 -6.48
CA ALA A 68 5.79 13.46 -5.16
C ALA A 68 6.86 13.98 -4.21
N ILE A 69 6.48 14.24 -2.97
CA ILE A 69 7.46 14.54 -1.93
C ILE A 69 8.45 13.38 -1.80
N ASP A 70 7.94 12.15 -1.90
CA ASP A 70 8.74 10.94 -1.78
C ASP A 70 8.36 9.97 -2.89
N PRO A 71 9.09 10.01 -4.01
CA PRO A 71 8.81 9.11 -5.14
C PRO A 71 8.75 7.63 -4.75
N ASP A 72 9.57 7.24 -3.77
CA ASP A 72 9.64 5.85 -3.35
C ASP A 72 8.37 5.39 -2.64
N ARG A 73 7.64 6.34 -2.08
CA ARG A 73 6.36 6.06 -1.43
C ARG A 73 5.21 6.15 -2.42
N SER A 74 5.24 7.16 -3.28
CA SER A 74 4.05 7.54 -4.03
C SER A 74 3.87 6.89 -5.39
N TYR A 75 4.98 6.66 -6.10
CA TYR A 75 4.89 6.25 -7.49
C TYR A 75 4.76 4.74 -7.64
N SER A 76 3.57 4.24 -7.31
CA SER A 76 3.26 2.82 -7.46
C SER A 76 1.75 2.71 -7.45
N MET A 77 1.22 1.63 -7.97
CA MET A 77 -0.22 1.48 -7.94
C MET A 77 -0.80 1.65 -6.54
N GLU A 78 -0.16 1.03 -5.55
CA GLU A 78 -0.65 1.10 -4.19
C GLU A 78 -0.39 2.49 -3.57
N GLY A 79 0.73 3.13 -3.93
CA GLY A 79 1.01 4.46 -3.44
C GLY A 79 0.04 5.50 -3.97
N TYR A 80 -0.29 5.39 -5.25
CA TYR A 80 -1.31 6.26 -5.82
C TYR A 80 -2.67 6.01 -5.17
N ALA A 81 -2.98 4.74 -4.88
CA ALA A 81 -4.23 4.42 -4.20
C ALA A 81 -4.26 5.09 -2.83
N ASP A 82 -3.15 5.07 -2.12
CA ASP A 82 -3.05 5.78 -0.84
CA ASP A 82 -3.07 5.77 -0.86
C ASP A 82 -3.31 7.27 -1.02
N ALA A 83 -2.69 7.87 -2.04
CA ALA A 83 -2.86 9.30 -2.28
C ALA A 83 -4.32 9.64 -2.60
N MET A 84 -4.96 8.85 -3.46
CA MET A 84 -6.36 9.14 -3.80
C MET A 84 -7.28 8.94 -2.60
N THR A 85 -6.98 7.96 -1.76
CA THR A 85 -7.76 7.75 -0.56
C THR A 85 -7.64 8.96 0.38
N GLU A 86 -6.43 9.49 0.50
CA GLU A 86 -6.19 10.69 1.30
C GLU A 86 -6.95 11.90 0.73
N VAL A 87 -6.94 12.04 -0.58
CA VAL A 87 -7.70 13.11 -1.22
C VAL A 87 -9.18 12.99 -0.88
N MET A 88 -9.74 11.80 -1.01
CA MET A 88 -11.17 11.64 -0.75
C MET A 88 -11.52 11.91 0.71
N GLN A 89 -10.61 11.53 1.62
CA GLN A 89 -10.76 11.82 3.05
CA GLN A 89 -10.82 11.81 3.03
C GLN A 89 -10.83 13.32 3.27
N GLN A 90 -9.91 14.05 2.64
N GLN A 90 -9.90 14.03 2.64
CA GLN A 90 -9.87 15.51 2.79
CA GLN A 90 -9.86 15.48 2.79
C GLN A 90 -11.13 16.16 2.23
C GLN A 90 -11.12 16.14 2.23
N LEU A 91 -11.67 15.57 1.16
CA LEU A 91 -12.90 16.07 0.55
C LEU A 91 -14.15 15.62 1.31
N GLY A 92 -13.98 14.75 2.30
CA GLY A 92 -15.10 14.31 3.13
C GLY A 92 -16.03 13.32 2.44
N ILE A 93 -15.52 12.61 1.43
CA ILE A 93 -16.35 11.71 0.63
C ILE A 93 -15.88 10.28 0.77
N ALA A 94 -16.71 9.45 1.38
CA ALA A 94 -16.33 8.06 1.67
C ALA A 94 -16.93 7.05 0.71
N ASP A 95 -17.94 7.47 -0.06
CA ASP A 95 -18.75 6.51 -0.81
C ASP A 95 -18.83 6.84 -2.29
N ALA A 96 -17.75 7.37 -2.85
CA ALA A 96 -17.74 7.61 -4.29
C ALA A 96 -17.86 6.31 -5.07
N VAL A 97 -18.47 6.41 -6.25
CA VAL A 97 -18.19 5.47 -7.32
C VAL A 97 -16.83 5.86 -7.90
N VAL A 98 -16.00 4.86 -8.24
CA VAL A 98 -14.70 5.16 -8.81
C VAL A 98 -14.64 4.66 -10.24
N PHE A 99 -14.15 5.52 -11.14
CA PHE A 99 -13.81 5.14 -12.50
C PHE A 99 -12.30 5.28 -12.65
N GLY A 100 -11.64 4.21 -13.08
CA GLY A 100 -10.20 4.28 -13.29
C GLY A 100 -9.84 3.92 -14.71
N TRP A 101 -9.05 4.79 -15.34
CA TRP A 101 -8.59 4.60 -16.69
C TRP A 101 -7.15 4.10 -16.70
N SER A 102 -6.99 2.84 -17.10
CA SER A 102 -5.68 2.28 -17.39
CA SER A 102 -5.71 2.19 -17.36
C SER A 102 -4.90 2.12 -16.08
N LEU A 103 -3.77 2.81 -15.96
CA LEU A 103 -3.11 2.88 -14.65
C LEU A 103 -4.14 3.23 -13.57
N GLY A 104 -5.04 4.16 -13.88
CA GLY A 104 -6.07 4.55 -12.92
C GLY A 104 -6.97 3.41 -12.50
N GLY A 105 -7.24 2.47 -13.40
CA GLY A 105 -8.01 1.28 -13.06
C GLY A 105 -7.25 0.36 -12.10
N HIS A 106 -5.95 0.19 -12.33
CA HIS A 106 -5.12 -0.57 -11.39
C HIS A 106 -5.10 0.10 -10.01
N ILE A 107 -5.03 1.43 -9.99
CA ILE A 107 -5.10 2.18 -8.75
C ILE A 107 -6.45 1.95 -8.07
N GLY A 108 -7.52 1.99 -8.84
CA GLY A 108 -8.84 1.73 -8.28
C GLY A 108 -8.95 0.37 -7.65
N ILE A 109 -8.34 -0.64 -8.26
CA ILE A 109 -8.32 -1.98 -7.68
C ILE A 109 -7.61 -1.96 -6.32
N GLU A 110 -6.47 -1.28 -6.25
N GLU A 110 -6.48 -1.26 -6.25
CA GLU A 110 -5.75 -1.13 -4.99
CA GLU A 110 -5.75 -1.13 -4.99
C GLU A 110 -6.57 -0.34 -3.96
C GLU A 110 -6.49 -0.25 -3.96
N MET A 111 -7.44 0.55 -4.43
CA MET A 111 -8.29 1.33 -3.52
C MET A 111 -9.37 0.51 -2.85
N ILE A 112 -9.73 -0.64 -3.40
CA ILE A 112 -10.82 -1.42 -2.82
C ILE A 112 -10.58 -1.68 -1.33
N ALA A 113 -9.35 -2.04 -0.97
CA ALA A 113 -9.01 -2.34 0.41
C ALA A 113 -8.95 -1.09 1.29
N ARG A 114 -8.65 0.04 0.68
CA ARG A 114 -8.40 1.28 1.41
C ARG A 114 -9.62 2.18 1.55
N TYR A 115 -10.64 1.91 0.74
CA TYR A 115 -11.78 2.79 0.56
C TYR A 115 -13.04 1.90 0.59
N PRO A 116 -13.35 1.33 1.78
CA PRO A 116 -14.32 0.23 1.88
C PRO A 116 -15.76 0.59 1.56
N GLU A 117 -16.10 1.87 1.58
CA GLU A 117 -17.46 2.26 1.24
C GLU A 117 -17.64 2.65 -0.24
N MET A 118 -16.60 2.40 -1.04
CA MET A 118 -16.69 2.58 -2.49
C MET A 118 -17.99 1.93 -3.00
N ARG A 119 -18.78 2.66 -3.78
CA ARG A 119 -20.07 2.12 -4.20
C ARG A 119 -20.00 1.28 -5.47
N GLY A 120 -18.90 1.41 -6.21
CA GLY A 120 -18.65 0.61 -7.39
C GLY A 120 -17.34 1.03 -7.99
N LEU A 121 -16.76 0.19 -8.83
CA LEU A 121 -15.54 0.50 -9.54
C LEU A 121 -15.72 0.15 -11.01
N MET A 122 -15.51 1.12 -11.90
CA MET A 122 -15.46 0.85 -13.34
C MET A 122 -14.02 0.98 -13.81
N ILE A 123 -13.55 -0.03 -14.55
CA ILE A 123 -12.19 -0.01 -15.09
C ILE A 123 -12.19 -0.10 -16.62
N THR A 124 -11.42 0.80 -17.23
CA THR A 124 -11.31 0.92 -18.67
C THR A 124 -9.82 0.98 -19.00
N GLY A 125 -9.37 0.13 -19.92
CA GLY A 125 -7.96 0.10 -20.28
C GLY A 125 -7.10 -0.67 -19.29
N THR A 126 -7.75 -1.51 -18.49
CA THR A 126 -7.13 -2.15 -17.34
C THR A 126 -7.46 -3.64 -17.29
N PRO A 127 -6.46 -4.51 -17.55
CA PRO A 127 -6.65 -5.94 -17.31
C PRO A 127 -6.20 -6.27 -15.89
N PRO A 128 -7.10 -6.78 -15.04
CA PRO A 128 -6.62 -7.20 -13.71
C PRO A 128 -5.68 -8.39 -13.93
N VAL A 129 -4.42 -8.22 -13.54
CA VAL A 129 -3.44 -9.27 -13.73
C VAL A 129 -2.56 -9.39 -12.50
N ALA A 130 -2.19 -10.63 -12.20
CA ALA A 130 -1.08 -10.91 -11.29
C ALA A 130 0.20 -10.59 -12.05
N ARG A 131 1.28 -10.37 -11.31
CA ARG A 131 2.52 -9.94 -11.95
C ARG A 131 2.97 -10.89 -13.07
N GLU A 132 2.75 -12.18 -12.87
CA GLU A 132 3.20 -13.17 -13.86
C GLU A 132 2.31 -13.21 -15.12
N GLU A 133 1.21 -12.47 -15.11
CA GLU A 133 0.23 -12.52 -16.20
C GLU A 133 0.30 -11.30 -17.12
N VAL A 134 1.33 -10.48 -16.98
CA VAL A 134 1.41 -9.26 -17.76
CA VAL A 134 1.43 -9.26 -17.77
C VAL A 134 1.34 -9.51 -19.27
N GLY A 135 2.05 -10.54 -19.75
CA GLY A 135 2.01 -10.87 -21.17
C GLY A 135 0.63 -11.32 -21.65
N GLN A 136 -0.12 -11.93 -20.75
CA GLN A 136 -1.48 -12.35 -21.09
C GLN A 136 -2.47 -11.19 -21.13
N GLY A 137 -2.29 -10.20 -20.25
CA GLY A 137 -3.22 -9.10 -20.13
C GLY A 137 -2.99 -7.95 -21.09
N PHE A 138 -1.73 -7.75 -21.49
CA PHE A 138 -1.34 -6.63 -22.33
C PHE A 138 -0.74 -7.07 -23.66
N LYS A 139 -0.99 -6.29 -24.70
CA LYS A 139 -0.37 -6.51 -26.01
C LYS A 139 1.05 -5.94 -26.08
N SER A 140 1.96 -6.69 -26.69
CA SER A 140 3.35 -6.27 -26.89
C SER A 140 3.51 -5.19 -27.97
N GLY A 141 4.38 -4.21 -27.72
CA GLY A 141 4.70 -3.16 -28.69
C GLY A 141 5.54 -2.02 -28.15
N PRO A 142 6.01 -1.11 -29.04
CA PRO A 142 6.92 -0.01 -28.71
C PRO A 142 6.33 1.03 -27.75
N ASP A 143 5.04 1.29 -27.87
CA ASP A 143 4.41 2.24 -26.96
C ASP A 143 4.25 1.61 -25.58
N MET A 144 4.09 0.30 -25.57
CA MET A 144 4.00 -0.45 -24.33
CA MET A 144 3.98 -0.43 -24.31
C MET A 144 5.27 -0.29 -23.51
N ALA A 145 6.42 -0.38 -24.18
CA ALA A 145 7.71 -0.22 -23.52
C ALA A 145 7.84 1.15 -22.87
N LEU A 146 7.15 2.13 -23.44
CA LEU A 146 7.25 3.50 -22.93
C LEU A 146 6.61 3.64 -21.56
N ALA A 147 5.69 2.74 -21.24
CA ALA A 147 4.96 2.82 -19.98
C ALA A 147 5.88 2.90 -18.77
N GLY A 148 7.03 2.24 -18.86
CA GLY A 148 7.99 2.20 -17.78
C GLY A 148 9.29 2.95 -18.05
N GLN A 149 9.31 3.76 -19.10
CA GLN A 149 10.54 4.44 -19.50
C GLN A 149 10.60 5.86 -18.94
N GLU A 150 11.68 6.17 -18.22
CA GLU A 150 11.78 7.46 -17.54
C GLU A 150 11.85 8.67 -18.47
N ILE A 151 12.80 8.64 -19.40
N ILE A 151 12.80 8.64 -19.40
CA ILE A 151 13.02 9.80 -20.26
CA ILE A 151 13.04 9.80 -20.26
C ILE A 151 12.27 9.67 -21.58
C ILE A 151 12.29 9.68 -21.58
N PHE A 152 11.43 10.65 -21.86
CA PHE A 152 10.72 10.74 -23.14
C PHE A 152 11.32 11.85 -23.98
N SER A 153 11.69 11.54 -25.20
CA SER A 153 11.96 12.58 -26.19
C SER A 153 10.66 13.23 -26.65
N GLU A 154 10.76 14.29 -27.44
CA GLU A 154 9.57 14.89 -28.02
C GLU A 154 8.78 13.85 -28.83
N ARG A 155 9.49 12.94 -29.48
N ARG A 155 9.50 12.97 -29.50
CA ARG A 155 8.83 11.94 -30.32
CA ARG A 155 8.90 11.91 -30.30
C ARG A 155 8.15 10.83 -29.50
C ARG A 155 8.11 10.94 -29.43
N ASP A 156 8.73 10.51 -28.34
N ASP A 156 8.79 10.46 -28.39
CA ASP A 156 8.10 9.54 -27.45
CA ASP A 156 8.19 9.57 -27.40
C ASP A 156 6.83 10.14 -26.87
C ASP A 156 6.87 10.16 -26.93
N VAL A 157 6.90 11.44 -26.59
CA VAL A 157 5.73 12.13 -26.07
C VAL A 157 4.58 11.99 -27.05
N GLU A 158 4.87 12.24 -28.32
CA GLU A 158 3.81 12.17 -29.34
C GLU A 158 3.29 10.75 -29.56
N SER A 159 4.19 9.78 -29.67
CA SER A 159 3.76 8.40 -29.92
C SER A 159 2.92 7.88 -28.75
N TYR A 160 3.37 8.17 -27.54
CA TYR A 160 2.63 7.73 -26.36
C TYR A 160 1.26 8.39 -26.27
N ALA A 161 1.22 9.71 -26.52
CA ALA A 161 -0.04 10.44 -26.45
C ALA A 161 -1.03 9.93 -27.49
N ARG A 162 -0.54 9.66 -28.71
CA ARG A 162 -1.43 9.19 -29.76
C ARG A 162 -2.00 7.80 -29.47
N SER A 163 -1.16 6.89 -28.99
N SER A 163 -1.16 6.87 -28.99
CA SER A 163 -1.59 5.52 -28.74
CA SER A 163 -1.63 5.51 -28.73
C SER A 163 -2.51 5.39 -27.53
C SER A 163 -2.56 5.42 -27.52
N THR A 164 -2.22 6.16 -26.48
CA THR A 164 -3.00 6.04 -25.25
CA THR A 164 -2.95 6.09 -25.22
C THR A 164 -4.27 6.88 -25.28
N CYS A 165 -4.22 8.07 -25.86
CA CYS A 165 -5.40 8.93 -25.87
C CYS A 165 -6.29 8.72 -27.10
N GLY A 166 -5.72 8.22 -28.18
CA GLY A 166 -6.49 7.92 -29.38
C GLY A 166 -7.09 9.13 -30.06
N GLU A 167 -8.09 8.89 -30.91
CA GLU A 167 -8.69 9.94 -31.71
C GLU A 167 -9.76 10.69 -30.91
N PRO A 168 -9.76 12.02 -30.97
CA PRO A 168 -8.91 12.90 -31.78
C PRO A 168 -7.65 13.36 -31.04
N PHE A 169 -6.53 13.45 -31.75
CA PHE A 169 -5.30 14.00 -31.17
C PHE A 169 -5.37 15.52 -31.07
N GLU A 170 -4.92 16.07 -29.94
CA GLU A 170 -4.83 17.51 -29.74
C GLU A 170 -3.46 17.87 -29.17
N ALA A 171 -2.92 19.02 -29.58
CA ALA A 171 -1.60 19.43 -29.12
C ALA A 171 -1.51 19.52 -27.60
N SER A 172 -2.62 19.87 -26.95
CA SER A 172 -2.64 20.00 -25.50
C SER A 172 -2.25 18.69 -24.80
N LEU A 173 -2.45 17.57 -25.49
CA LEU A 173 -2.12 16.27 -24.91
C LEU A 173 -0.62 16.13 -24.74
N LEU A 174 0.14 16.73 -25.64
CA LEU A 174 1.59 16.68 -25.54
C LEU A 174 2.08 17.35 -24.27
N ASP A 175 1.46 18.49 -23.92
CA ASP A 175 1.88 19.23 -22.75
C ASP A 175 1.69 18.39 -21.48
N ILE A 176 0.58 17.65 -21.44
CA ILE A 176 0.27 16.79 -20.30
C ILE A 176 1.31 15.67 -20.15
N VAL A 177 1.58 14.95 -21.24
CA VAL A 177 2.51 13.84 -21.20
C VAL A 177 3.94 14.30 -20.91
N ALA A 178 4.33 15.42 -21.53
CA ALA A 178 5.68 15.96 -21.35
C ALA A 178 5.94 16.41 -19.93
N ARG A 179 4.90 16.87 -19.23
CA ARG A 179 5.09 17.33 -17.85
C ARG A 179 5.44 16.18 -16.92
N THR A 180 4.88 15.00 -17.16
CA THR A 180 4.97 13.88 -16.21
C THR A 180 6.39 13.65 -15.72
N ASP A 181 6.53 13.53 -14.40
CA ASP A 181 7.78 13.15 -13.78
C ASP A 181 8.12 11.73 -14.25
N GLY A 182 9.14 11.60 -15.09
CA GLY A 182 9.47 10.31 -15.67
C GLY A 182 9.87 9.25 -14.66
N ARG A 183 10.35 9.66 -13.49
CA ARG A 183 10.64 8.71 -12.43
C ARG A 183 9.39 7.90 -12.07
N ALA A 184 8.23 8.52 -12.19
CA ALA A 184 6.98 7.86 -11.83
C ALA A 184 6.71 6.69 -12.76
N ARG A 185 7.04 6.83 -14.04
CA ARG A 185 6.87 5.72 -14.98
C ARG A 185 7.78 4.55 -14.62
N ARG A 186 9.05 4.85 -14.43
CA ARG A 186 10.03 3.81 -14.16
C ARG A 186 9.71 3.06 -12.86
N ILE A 187 9.47 3.82 -11.79
CA ILE A 187 9.28 3.20 -10.49
C ILE A 187 7.97 2.41 -10.44
N MET A 188 6.88 2.99 -10.95
CA MET A 188 5.61 2.29 -10.91
C MET A 188 5.71 0.95 -11.65
N PHE A 189 6.35 0.96 -12.81
CA PHE A 189 6.44 -0.23 -13.63
C PHE A 189 7.27 -1.31 -12.95
N GLU A 190 8.40 -0.92 -12.37
N GLU A 190 8.39 -0.90 -12.37
CA GLU A 190 9.24 -1.87 -11.65
CA GLU A 190 9.27 -1.81 -11.63
C GLU A 190 8.49 -2.49 -10.47
C GLU A 190 8.54 -2.45 -10.46
N LYS A 191 7.76 -1.66 -9.73
CA LYS A 191 7.06 -2.15 -8.56
C LYS A 191 5.92 -3.09 -8.91
N PHE A 192 5.25 -2.80 -10.02
CA PHE A 192 4.21 -3.69 -10.57
CA PHE A 192 4.22 -3.74 -10.43
C PHE A 192 4.83 -5.08 -10.79
N GLY A 193 5.98 -5.09 -11.45
N GLY A 193 5.87 -5.06 -11.62
CA GLY A 193 6.70 -6.32 -11.74
CA GLY A 193 6.47 -6.29 -12.08
C GLY A 193 7.31 -7.00 -10.52
C GLY A 193 6.82 -7.22 -10.94
N SER A 194 7.50 -6.25 -9.44
N SER A 194 7.34 -6.65 -9.86
CA SER A 194 8.04 -6.83 -8.22
CA SER A 194 7.87 -7.42 -8.73
C SER A 194 6.95 -7.28 -7.27
C SER A 194 6.84 -7.81 -7.66
N GLY A 195 5.68 -7.17 -7.70
CA GLY A 195 4.57 -7.57 -6.84
C GLY A 195 4.54 -6.88 -5.50
N THR A 196 4.75 -5.57 -5.51
CA THR A 196 4.83 -4.87 -4.24
C THR A 196 3.47 -4.61 -3.64
N GLY A 197 2.42 -4.61 -4.46
CA GLY A 197 1.07 -4.41 -3.98
C GLY A 197 0.26 -5.69 -3.98
N GLY A 198 -1.04 -5.56 -3.77
CA GLY A 198 -1.91 -6.73 -3.74
C GLY A 198 -2.01 -7.40 -5.10
N ASN A 199 -2.31 -8.70 -5.10
CA ASN A 199 -2.53 -9.44 -6.33
C ASN A 199 -3.87 -9.05 -6.94
N GLN A 200 -3.84 -8.35 -8.05
CA GLN A 200 -5.06 -7.76 -8.59
C GLN A 200 -6.04 -8.79 -9.12
N ARG A 201 -5.52 -9.91 -9.60
CA ARG A 201 -6.39 -10.99 -10.02
C ARG A 201 -7.24 -11.49 -8.84
N ASP A 202 -6.57 -11.73 -7.71
N ASP A 202 -6.57 -11.74 -7.71
CA ASP A 202 -7.28 -12.23 -6.55
CA ASP A 202 -7.28 -12.23 -6.55
C ASP A 202 -8.20 -11.17 -5.94
C ASP A 202 -8.22 -11.16 -5.98
N ILE A 203 -7.76 -9.92 -5.94
CA ILE A 203 -8.57 -8.85 -5.40
C ILE A 203 -9.90 -8.73 -6.13
N VAL A 204 -9.89 -8.72 -7.47
CA VAL A 204 -11.15 -8.54 -8.17
C VAL A 204 -12.04 -9.78 -8.09
N ALA A 205 -11.43 -10.96 -7.98
CA ALA A 205 -12.20 -12.19 -7.82
C ALA A 205 -12.98 -12.21 -6.52
N GLU A 206 -12.38 -11.63 -5.49
CA GLU A 206 -12.92 -11.69 -4.14
C GLU A 206 -13.74 -10.45 -3.75
N ALA A 207 -13.62 -9.38 -4.53
CA ALA A 207 -14.30 -8.13 -4.22
C ALA A 207 -15.80 -8.27 -4.42
N GLN A 208 -16.56 -7.77 -3.46
CA GLN A 208 -18.02 -7.90 -3.48
C GLN A 208 -18.75 -6.73 -4.12
N LEU A 209 -18.09 -5.57 -4.19
CA LEU A 209 -18.72 -4.41 -4.80
C LEU A 209 -18.87 -4.63 -6.30
N PRO A 210 -19.81 -3.91 -6.92
CA PRO A 210 -19.94 -4.04 -8.38
C PRO A 210 -18.69 -3.54 -9.09
N ILE A 211 -18.14 -4.35 -9.98
CA ILE A 211 -17.05 -3.93 -10.84
C ILE A 211 -17.53 -3.97 -12.28
N ALA A 212 -17.44 -2.83 -12.95
CA ALA A 212 -17.79 -2.71 -14.36
C ALA A 212 -16.52 -2.65 -15.20
N VAL A 213 -16.57 -3.29 -16.36
CA VAL A 213 -15.42 -3.34 -17.27
C VAL A 213 -15.89 -2.87 -18.63
N VAL A 214 -15.28 -1.80 -19.13
CA VAL A 214 -15.68 -1.17 -20.40
C VAL A 214 -14.41 -0.82 -21.17
N ASN A 215 -14.28 -1.34 -22.38
CA ASN A 215 -13.10 -1.07 -23.21
C ASN A 215 -13.46 -0.75 -24.65
N GLY A 216 -12.60 0.00 -25.33
CA GLY A 216 -12.69 0.17 -26.77
C GLY A 216 -12.21 -1.09 -27.47
N ARG A 217 -12.89 -1.47 -28.54
CA ARG A 217 -12.58 -2.71 -29.25
CA ARG A 217 -12.59 -2.69 -29.27
C ARG A 217 -11.19 -2.68 -29.89
N ASP A 218 -10.72 -1.50 -30.26
CA ASP A 218 -9.51 -1.37 -31.06
C ASP A 218 -8.33 -0.78 -30.31
N GLY A 219 -8.36 -0.85 -28.98
CA GLY A 219 -7.25 -0.33 -28.19
C GLY A 219 -5.96 -1.11 -28.43
N PRO A 220 -4.82 -0.42 -28.43
CA PRO A 220 -3.56 -1.13 -28.71
C PRO A 220 -2.93 -1.83 -27.50
N PHE A 221 -3.52 -1.75 -26.32
CA PHE A 221 -2.85 -2.24 -25.11
C PHE A 221 -3.47 -3.44 -24.42
N VAL A 222 -4.79 -3.49 -24.34
CA VAL A 222 -5.46 -4.52 -23.53
C VAL A 222 -5.84 -5.74 -24.35
N GLU A 223 -5.52 -6.93 -23.86
CA GLU A 223 -6.02 -8.16 -24.47
C GLU A 223 -7.46 -8.40 -24.03
N LEU A 224 -8.40 -8.09 -24.91
CA LEU A 224 -9.82 -8.12 -24.54
C LEU A 224 -10.35 -9.51 -24.27
N ASP A 225 -9.85 -10.51 -24.98
CA ASP A 225 -10.27 -11.88 -24.72
C ASP A 225 -9.88 -12.31 -23.30
N PHE A 226 -8.63 -12.00 -22.91
CA PHE A 226 -8.18 -12.28 -21.56
C PHE A 226 -9.08 -11.60 -20.54
N VAL A 227 -9.36 -10.32 -20.76
CA VAL A 227 -10.18 -9.57 -19.82
C VAL A 227 -11.57 -10.20 -19.69
N SER A 228 -12.12 -10.68 -20.81
CA SER A 228 -13.44 -11.30 -20.79
C SER A 228 -13.49 -12.61 -20.00
N LYS A 229 -12.31 -13.15 -19.67
CA LYS A 229 -12.27 -14.39 -18.90
CA LYS A 229 -12.23 -14.40 -18.92
C LYS A 229 -11.83 -14.20 -17.45
N VAL A 230 -11.51 -12.97 -17.08
CA VAL A 230 -11.13 -12.68 -15.71
C VAL A 230 -12.32 -12.91 -14.77
N LYS A 231 -12.07 -13.56 -13.64
CA LYS A 231 -13.09 -13.79 -12.62
CA LYS A 231 -13.12 -13.79 -12.66
C LYS A 231 -13.30 -12.57 -11.74
N PHE A 232 -14.52 -12.06 -11.69
CA PHE A 232 -14.87 -10.96 -10.80
C PHE A 232 -15.91 -11.42 -9.80
N GLY A 233 -15.82 -10.95 -8.57
CA GLY A 233 -16.80 -11.29 -7.55
C GLY A 233 -18.20 -10.85 -7.93
N ASN A 234 -18.32 -9.69 -8.56
CA ASN A 234 -19.61 -9.09 -8.85
C ASN A 234 -19.50 -8.25 -10.10
N LEU A 235 -19.50 -8.90 -11.25
CA LEU A 235 -19.28 -8.25 -12.53
C LEU A 235 -20.56 -7.56 -12.98
N TRP A 236 -20.50 -6.25 -13.16
CA TRP A 236 -21.68 -5.47 -13.49
C TRP A 236 -22.25 -5.87 -14.84
N GLU A 237 -23.54 -6.23 -14.82
CA GLU A 237 -24.27 -6.70 -16.00
C GLU A 237 -23.74 -8.03 -16.54
N GLY A 238 -22.92 -8.71 -15.74
CA GLY A 238 -22.56 -10.08 -16.01
C GLY A 238 -21.60 -10.32 -17.16
N LYS A 239 -21.01 -9.26 -17.69
CA LYS A 239 -20.05 -9.42 -18.78
C LYS A 239 -19.16 -8.20 -18.84
N THR A 240 -18.04 -8.33 -19.56
CA THR A 240 -17.22 -7.18 -19.90
C THR A 240 -17.78 -6.56 -21.18
N HIS A 241 -17.68 -5.25 -21.28
CA HIS A 241 -18.32 -4.49 -22.35
C HIS A 241 -17.30 -3.92 -23.30
N VAL A 242 -17.65 -3.91 -24.58
CA VAL A 242 -16.75 -3.46 -25.62
C VAL A 242 -17.47 -2.44 -26.51
N ILE A 243 -16.81 -1.31 -26.72
CA ILE A 243 -17.33 -0.23 -27.56
C ILE A 243 -16.62 -0.26 -28.91
N ASP A 244 -17.39 -0.43 -29.98
CA ASP A 244 -16.83 -0.44 -31.32
C ASP A 244 -16.27 0.92 -31.70
N ASN A 245 -15.30 0.92 -32.60
CA ASN A 245 -14.80 2.17 -33.15
C ASN A 245 -14.22 3.08 -32.08
N ALA A 246 -13.56 2.47 -31.10
CA ALA A 246 -12.88 3.20 -30.06
C ALA A 246 -11.65 2.42 -29.66
N GLY A 247 -10.63 3.15 -29.21
CA GLY A 247 -9.39 2.55 -28.76
C GLY A 247 -9.28 2.52 -27.25
N HIS A 248 -8.12 2.90 -26.75
CA HIS A 248 -7.79 2.81 -25.35
C HIS A 248 -8.59 3.77 -24.45
N ALA A 249 -9.11 4.84 -25.05
CA ALA A 249 -9.74 5.92 -24.30
C ALA A 249 -11.17 6.18 -24.79
N PRO A 250 -12.08 5.21 -24.63
CA PRO A 250 -13.43 5.41 -25.20
C PRO A 250 -14.20 6.59 -24.59
N PHE A 251 -13.85 7.02 -23.39
CA PHE A 251 -14.50 8.17 -22.78
C PHE A 251 -14.28 9.47 -23.57
N ARG A 252 -13.23 9.52 -24.39
CA ARG A 252 -13.02 10.68 -25.26
C ARG A 252 -13.25 10.36 -26.75
N GLU A 253 -13.03 9.11 -27.12
N GLU A 253 -13.02 9.12 -27.14
CA GLU A 253 -13.16 8.67 -28.50
CA GLU A 253 -13.18 8.73 -28.53
C GLU A 253 -14.61 8.42 -28.90
C GLU A 253 -14.64 8.47 -28.90
N ALA A 254 -15.41 7.97 -27.93
CA ALA A 254 -16.83 7.66 -28.13
C ALA A 254 -17.62 8.11 -26.91
N PRO A 255 -17.64 9.42 -26.63
CA PRO A 255 -18.16 9.85 -25.33
C PRO A 255 -19.62 9.47 -25.08
N ALA A 256 -20.50 9.58 -26.07
CA ALA A 256 -21.89 9.26 -25.82
C ALA A 256 -22.07 7.79 -25.42
N GLU A 257 -21.41 6.89 -26.14
CA GLU A 257 -21.54 5.47 -25.85
C GLU A 257 -20.90 5.13 -24.50
N PHE A 258 -19.74 5.69 -24.24
CA PHE A 258 -19.09 5.48 -22.94
C PHE A 258 -19.96 6.02 -21.80
N ASP A 259 -20.48 7.22 -21.98
CA ASP A 259 -21.29 7.86 -20.96
C ASP A 259 -22.56 7.08 -20.67
N ALA A 260 -23.10 6.39 -21.68
CA ALA A 260 -24.27 5.55 -21.42
C ALA A 260 -23.92 4.48 -20.37
N TYR A 261 -22.78 3.81 -20.55
CA TYR A 261 -22.35 2.84 -19.56
C TYR A 261 -22.08 3.47 -18.20
N LEU A 262 -21.32 4.56 -18.18
CA LEU A 262 -20.96 5.19 -16.92
C LEU A 262 -22.19 5.68 -16.15
N ALA A 263 -23.11 6.36 -16.86
CA ALA A 263 -24.31 6.86 -16.21
C ALA A 263 -25.15 5.72 -15.64
N ARG A 264 -25.31 4.65 -16.40
CA ARG A 264 -26.10 3.54 -15.94
C ARG A 264 -25.45 2.86 -14.72
N PHE A 265 -24.13 2.73 -14.76
CA PHE A 265 -23.39 2.16 -13.64
C PHE A 265 -23.55 3.03 -12.39
N ILE A 266 -23.38 4.35 -12.53
CA ILE A 266 -23.55 5.21 -11.38
C ILE A 266 -24.97 5.09 -10.82
N ARG A 267 -25.97 5.13 -11.69
CA ARG A 267 -27.35 4.99 -11.24
C ARG A 267 -27.52 3.68 -10.47
N ASP A 268 -27.04 2.58 -11.04
CA ASP A 268 -27.16 1.29 -10.41
C ASP A 268 -26.48 1.22 -9.04
N CYS A 269 -25.34 1.87 -8.92
CA CYS A 269 -24.55 1.80 -7.67
C CYS A 269 -25.02 2.77 -6.59
N THR A 270 -25.82 3.76 -6.95
CA THR A 270 -26.16 4.82 -6.02
C THR A 270 -27.64 5.09 -5.83
N GLN A 271 -28.47 4.65 -6.79
CA GLN A 271 -29.89 5.00 -6.72
C GLN A 271 -30.80 3.81 -6.81
N LEU A 272 -30.27 2.63 -6.54
CA LEU A 272 -31.13 1.48 -6.34
C LEU A 272 -31.19 1.15 -4.85
N GLU A 273 -32.34 0.65 -4.42
CA GLU A 273 -32.50 0.18 -3.06
C GLU A 273 -31.39 -0.82 -2.75
N HIS A 274 -30.70 -0.62 -1.62
CA HIS A 274 -29.62 -1.53 -1.27
C HIS A 274 -30.03 -2.64 -0.32
N HIS A 275 -29.80 -3.88 -0.74
CA HIS A 275 -29.95 -5.06 0.11
C HIS A 275 -28.66 -5.86 0.02
N HIS A 276 -28.13 -6.27 1.16
CA HIS A 276 -26.93 -7.11 1.14
C HIS A 276 -27.20 -8.41 0.41
N ILE B 3 15.66 9.81 26.93
CA ILE B 3 14.93 9.55 25.70
C ILE B 3 14.26 10.82 25.21
N ASN B 4 14.44 11.12 23.92
CA ASN B 4 13.77 12.25 23.30
C ASN B 4 12.39 11.81 22.80
N TYR B 5 11.37 12.51 23.25
CA TYR B 5 10.01 12.21 22.83
C TYR B 5 9.49 13.37 22.00
N HIS B 6 8.88 13.06 20.86
CA HIS B 6 8.16 14.07 20.11
C HIS B 6 7.08 13.44 19.25
N GLU B 7 6.32 14.26 18.55
CA GLU B 7 5.18 13.77 17.77
C GLU B 7 5.20 14.35 16.36
N LEU B 8 4.79 13.54 15.38
CA LEU B 8 4.79 13.95 13.99
C LEU B 8 3.36 13.88 13.45
N GLU B 9 2.98 14.89 12.68
CA GLU B 9 1.70 14.87 11.98
C GLU B 9 1.85 14.18 10.63
N THR B 10 1.16 13.06 10.47
CA THR B 10 1.24 12.29 9.25
C THR B 10 -0.16 12.09 8.69
N SER B 11 -0.23 11.51 7.49
CA SER B 11 -1.53 11.26 6.85
C SER B 11 -2.31 10.20 7.62
N HIS B 12 -1.66 9.57 8.59
CA HIS B 12 -2.31 8.54 9.38
C HIS B 12 -2.80 9.07 10.73
N GLY B 13 -2.36 10.26 11.10
CA GLY B 13 -2.62 10.80 12.41
C GLY B 13 -1.35 11.28 13.08
N ARG B 14 -1.44 11.59 14.36
CA ARG B 14 -0.31 12.13 15.08
C ARG B 14 0.47 10.96 15.70
N ILE B 15 1.69 10.78 15.23
CA ILE B 15 2.52 9.64 15.59
CA ILE B 15 2.49 9.63 15.62
C ILE B 15 3.56 10.01 16.64
N ALA B 16 3.52 9.33 17.78
CA ALA B 16 4.52 9.53 18.82
C ALA B 16 5.81 8.82 18.43
N VAL B 17 6.94 9.48 18.68
CA VAL B 17 8.24 8.93 18.35
C VAL B 17 9.19 9.08 19.53
N ARG B 18 9.82 7.98 19.94
CA ARG B 18 10.89 8.02 20.92
C ARG B 18 12.21 7.88 20.21
N GLU B 19 13.21 8.66 20.63
CA GLU B 19 14.54 8.56 20.05
C GLU B 19 15.60 8.46 21.15
N SER B 20 16.56 7.56 20.96
CA SER B 20 17.69 7.49 21.90
C SER B 20 18.66 8.63 21.65
N GLU B 21 19.67 8.72 22.51
CA GLU B 21 20.67 9.79 22.42
C GLU B 21 21.84 9.44 21.49
N GLY B 22 21.89 8.21 21.01
CA GLY B 22 22.98 7.75 20.18
C GLY B 22 23.16 8.54 18.90
N GLU B 23 24.42 8.73 18.51
CA GLU B 23 24.77 9.53 17.35
C GLU B 23 25.15 8.71 16.12
N GLY B 24 25.17 7.40 16.28
CA GLY B 24 25.53 6.51 15.19
C GLY B 24 24.39 6.28 14.20
N ALA B 25 24.60 5.31 13.31
CA ALA B 25 23.64 4.98 12.27
C ALA B 25 22.24 4.77 12.85
N PRO B 26 21.21 5.18 12.11
CA PRO B 26 19.85 5.05 12.63
C PRO B 26 19.28 3.63 12.54
N LEU B 27 18.51 3.27 13.57
CA LEU B 27 17.79 2.02 13.66
C LEU B 27 16.33 2.34 13.96
N LEU B 28 15.43 2.00 13.04
CA LEU B 28 13.99 2.08 13.28
C LEU B 28 13.55 0.77 13.92
N MET B 29 12.91 0.85 15.10
CA MET B 29 12.35 -0.33 15.75
C MET B 29 10.83 -0.21 15.69
N ILE B 30 10.18 -1.24 15.15
CA ILE B 30 8.73 -1.25 14.96
C ILE B 30 8.10 -2.30 15.85
N HIS B 31 7.24 -1.85 16.76
CA HIS B 31 6.60 -2.73 17.72
C HIS B 31 5.51 -3.61 17.11
N GLY B 32 4.97 -4.50 17.94
CA GLY B 32 4.00 -5.47 17.50
C GLY B 32 2.56 -5.12 17.82
N ASN B 33 1.70 -6.08 17.52
CA ASN B 33 0.26 -5.96 17.69
C ASN B 33 -0.09 -5.66 19.14
N SER B 34 -0.73 -4.50 19.35
CA SER B 34 -1.23 -4.09 20.66
C SER B 34 -0.12 -3.72 21.65
N SER B 35 1.06 -3.43 21.13
CA SER B 35 2.17 -2.95 21.93
CA SER B 35 2.12 -2.91 22.01
C SER B 35 2.39 -1.45 21.70
N SER B 36 3.61 -1.00 21.95
CA SER B 36 4.01 0.36 21.66
C SER B 36 5.53 0.41 21.63
N GLY B 37 6.08 1.51 21.13
CA GLY B 37 7.52 1.67 21.11
C GLY B 37 8.16 1.69 22.49
N ALA B 38 7.35 1.93 23.53
CA ALA B 38 7.84 1.91 24.91
C ALA B 38 8.43 0.54 25.26
N ILE B 39 7.99 -0.50 24.57
CA ILE B 39 8.45 -1.86 24.83
C ILE B 39 9.95 -2.00 24.56
N PHE B 40 10.49 -1.09 23.76
CA PHE B 40 11.90 -1.12 23.39
C PHE B 40 12.80 -0.32 24.34
N ALA B 41 12.29 -0.02 25.54
CA ALA B 41 13.11 0.60 26.57
C ALA B 41 14.51 0.01 26.71
N PRO B 42 14.64 -1.34 26.71
CA PRO B 42 15.99 -1.90 26.92
C PRO B 42 16.99 -1.44 25.86
N GLN B 43 16.54 -1.25 24.62
CA GLN B 43 17.39 -0.78 23.54
C GLN B 43 17.50 0.75 23.55
N LEU B 44 16.39 1.45 23.74
CA LEU B 44 16.40 2.91 23.78
C LEU B 44 17.34 3.43 24.85
N GLU B 45 17.31 2.80 26.03
CA GLU B 45 18.03 3.29 27.20
C GLU B 45 19.36 2.59 27.44
N GLY B 46 19.60 1.49 26.73
CA GLY B 46 20.77 0.67 26.95
C GLY B 46 21.89 0.86 25.94
N GLU B 47 22.75 -0.15 25.81
CA GLU B 47 23.94 -0.06 24.97
CA GLU B 47 23.94 -0.06 24.97
C GLU B 47 23.60 0.23 23.51
N ILE B 48 22.51 -0.35 23.01
CA ILE B 48 22.16 -0.16 21.62
C ILE B 48 21.88 1.31 21.36
N GLY B 49 21.01 1.90 22.19
CA GLY B 49 20.61 3.28 22.01
C GLY B 49 21.65 4.31 22.38
N LYS B 50 22.64 3.91 23.16
CA LYS B 50 23.74 4.80 23.48
C LYS B 50 24.66 5.01 22.28
N LYS B 51 24.77 4.00 21.41
CA LYS B 51 25.65 4.11 20.25
C LYS B 51 24.89 4.55 19.02
N TRP B 52 23.77 3.89 18.77
CA TRP B 52 23.02 4.10 17.54
C TRP B 52 21.81 4.98 17.79
N ARG B 53 21.35 5.67 16.75
CA ARG B 53 20.16 6.50 16.87
C ARG B 53 18.94 5.61 16.73
N VAL B 54 18.39 5.20 17.87
CA VAL B 54 17.24 4.32 17.87
C VAL B 54 15.96 5.14 17.83
N ILE B 55 15.06 4.79 16.91
N ILE B 55 15.10 4.81 16.86
CA ILE B 55 13.83 5.51 16.68
CA ILE B 55 13.82 5.46 16.63
C ILE B 55 12.69 4.50 16.85
C ILE B 55 12.74 4.43 16.90
N ALA B 56 11.84 4.73 17.84
CA ALA B 56 10.79 3.78 18.21
C ALA B 56 9.45 4.48 18.23
N PRO B 57 8.75 4.50 17.09
CA PRO B 57 7.44 5.17 17.01
C PRO B 57 6.33 4.28 17.57
N ASP B 58 5.18 4.89 17.81
CA ASP B 58 3.98 4.13 18.08
C ASP B 58 3.11 4.10 16.84
N LEU B 59 2.71 2.90 16.42
CA LEU B 59 1.79 2.78 15.30
C LEU B 59 0.50 3.52 15.58
N PRO B 60 -0.16 4.04 14.53
CA PRO B 60 -1.51 4.55 14.72
C PRO B 60 -2.36 3.53 15.50
N GLY B 61 -3.20 4.02 16.41
CA GLY B 61 -4.05 3.16 17.21
C GLY B 61 -3.35 2.51 18.39
N HIS B 62 -2.07 2.83 18.58
CA HIS B 62 -1.26 2.19 19.62
C HIS B 62 -0.53 3.25 20.45
N GLY B 63 -0.22 2.89 21.69
CA GLY B 63 0.63 3.73 22.52
C GLY B 63 0.16 5.17 22.60
N LYS B 64 1.09 6.09 22.40
CA LYS B 64 0.84 7.51 22.54
C LYS B 64 0.46 8.17 21.22
N SER B 65 0.36 7.37 20.15
CA SER B 65 -0.15 7.89 18.88
C SER B 65 -1.66 8.02 18.93
N THR B 66 -2.22 8.84 18.06
CA THR B 66 -3.66 8.93 17.99
C THR B 66 -4.18 7.68 17.30
N ASP B 67 -5.46 7.40 17.48
CA ASP B 67 -6.11 6.44 16.61
C ASP B 67 -5.96 6.99 15.19
N ALA B 68 -6.04 6.11 14.19
CA ALA B 68 -5.89 6.54 12.81
C ALA B 68 -6.96 7.56 12.40
N ILE B 69 -6.56 8.58 11.64
CA ILE B 69 -7.55 9.47 11.02
C ILE B 69 -8.52 8.64 10.19
N ASP B 70 -8.00 7.61 9.53
CA ASP B 70 -8.77 6.70 8.68
C ASP B 70 -8.38 5.20 8.85
N PRO B 71 -9.10 4.45 9.71
CA PRO B 71 -8.77 3.04 10.00
C PRO B 71 -8.67 2.07 8.81
N ASP B 72 -9.46 2.40 7.79
N ASP B 72 -9.58 2.06 7.85
CA ASP B 72 -9.54 1.70 6.52
CA ASP B 72 -9.50 0.96 6.88
C ASP B 72 -8.27 1.88 5.69
C ASP B 72 -8.19 1.00 6.09
N ARG B 73 -7.55 2.97 5.92
N ARG B 73 -7.66 2.20 5.92
CA ARG B 73 -6.31 3.21 5.20
CA ARG B 73 -6.39 2.40 5.22
C ARG B 73 -5.12 2.74 6.01
C ARG B 73 -5.20 2.18 6.15
N SER B 74 -5.25 2.77 7.34
CA SER B 74 -4.10 2.70 8.23
C SER B 74 -3.82 1.38 8.92
N TYR B 75 -4.87 0.67 9.29
N TYR B 75 -4.85 0.63 9.31
CA TYR B 75 -4.71 -0.53 10.10
CA TYR B 75 -4.65 -0.52 10.19
C TYR B 75 -4.57 -1.73 9.19
C TYR B 75 -4.38 -1.84 9.46
N SER B 76 -3.40 -1.82 8.56
CA SER B 76 -3.06 -2.99 7.76
C SER B 76 -1.56 -3.01 7.72
N MET B 77 -0.97 -4.17 7.44
CA MET B 77 0.47 -4.22 7.36
C MET B 77 1.03 -3.18 6.40
N GLU B 78 0.41 -3.05 5.24
CA GLU B 78 0.87 -2.08 4.25
C GLU B 78 0.56 -0.62 4.65
N GLY B 79 -0.56 -0.40 5.34
CA GLY B 79 -0.87 0.92 5.84
C GLY B 79 0.10 1.39 6.92
N TYR B 80 0.44 0.48 7.83
CA TYR B 80 1.43 0.77 8.86
C TYR B 80 2.79 1.03 8.21
N ALA B 81 3.13 0.27 7.16
CA ALA B 81 4.40 0.48 6.46
C ALA B 81 4.42 1.86 5.82
N ASP B 82 3.29 2.28 5.25
CA ASP B 82 3.19 3.60 4.70
C ASP B 82 3.39 4.67 5.78
N ALA B 83 2.77 4.48 6.94
CA ALA B 83 2.96 5.41 8.04
C ALA B 83 4.42 5.52 8.47
N MET B 84 5.11 4.38 8.57
CA MET B 84 6.49 4.41 9.02
C MET B 84 7.38 5.06 7.96
N THR B 85 7.02 4.87 6.69
CA THR B 85 7.73 5.52 5.59
C THR B 85 7.59 7.04 5.70
N GLU B 86 6.40 7.53 6.03
N GLU B 86 6.40 7.49 6.06
CA GLU B 86 6.22 8.96 6.27
CA GLU B 86 6.13 8.92 6.28
C GLU B 86 7.07 9.43 7.44
C GLU B 86 6.95 9.46 7.46
N VAL B 87 7.03 8.69 8.54
CA VAL B 87 7.84 9.06 9.70
C VAL B 87 9.30 9.25 9.30
N MET B 88 9.86 8.27 8.60
CA MET B 88 11.27 8.33 8.28
C MET B 88 11.58 9.49 7.33
N GLN B 89 10.66 9.76 6.41
CA GLN B 89 10.85 10.87 5.49
C GLN B 89 10.85 12.20 6.26
N GLN B 90 9.93 12.34 7.21
CA GLN B 90 9.88 13.58 7.99
C GLN B 90 11.13 13.75 8.84
N LEU B 91 11.71 12.64 9.27
CA LEU B 91 12.96 12.68 10.03
C LEU B 91 14.19 12.86 9.13
N GLY B 92 14.00 12.77 7.82
CA GLY B 92 15.08 12.94 6.87
C GLY B 92 16.07 11.79 6.87
N ILE B 93 15.57 10.58 7.13
CA ILE B 93 16.43 9.39 7.19
C ILE B 93 16.00 8.38 6.14
N ALA B 94 16.86 8.13 5.16
CA ALA B 94 16.52 7.25 4.05
C ALA B 94 17.14 5.86 4.17
N ASP B 95 18.10 5.71 5.08
CA ASP B 95 18.94 4.51 5.09
C ASP B 95 19.02 3.82 6.45
N ALA B 96 17.93 3.90 7.22
CA ALA B 96 17.89 3.18 8.48
C ALA B 96 18.05 1.66 8.30
N VAL B 97 18.66 1.03 9.30
CA VAL B 97 18.40 -0.38 9.53
C VAL B 97 17.05 -0.47 10.23
N VAL B 98 16.26 -1.50 9.91
CA VAL B 98 14.95 -1.66 10.52
C VAL B 98 14.91 -2.96 11.30
N PHE B 99 14.39 -2.87 12.52
CA PHE B 99 14.06 -4.02 13.34
C PHE B 99 12.55 -4.05 13.50
N GLY B 100 11.92 -5.17 13.13
CA GLY B 100 10.48 -5.31 13.31
C GLY B 100 10.14 -6.48 14.19
N TRP B 101 9.34 -6.21 15.22
CA TRP B 101 8.90 -7.23 16.17
C TRP B 101 7.47 -7.67 15.84
N SER B 102 7.37 -8.89 15.34
CA SER B 102 6.13 -9.60 15.14
C SER B 102 5.28 -8.90 14.08
N LEU B 103 4.13 -8.33 14.42
CA LEU B 103 3.46 -7.45 13.45
C LEU B 103 4.45 -6.45 12.84
N GLY B 104 5.33 -5.90 13.68
CA GLY B 104 6.33 -4.97 13.21
C GLY B 104 7.27 -5.54 12.16
N GLY B 105 7.57 -6.83 12.23
CA GLY B 105 8.36 -7.50 11.22
C GLY B 105 7.61 -7.60 9.89
N HIS B 106 6.33 -7.91 9.95
CA HIS B 106 5.49 -7.90 8.74
C HIS B 106 5.44 -6.51 8.12
N ILE B 107 5.32 -5.49 8.97
CA ILE B 107 5.38 -4.11 8.50
C ILE B 107 6.72 -3.81 7.84
N GLY B 108 7.81 -4.23 8.46
CA GLY B 108 9.13 -4.04 7.87
C GLY B 108 9.27 -4.68 6.51
N ILE B 109 8.68 -5.86 6.33
CA ILE B 109 8.70 -6.52 5.01
C ILE B 109 7.96 -5.66 3.98
N GLU B 110 6.80 -5.12 4.35
CA GLU B 110 6.07 -4.21 3.49
CA GLU B 110 6.07 -4.23 3.46
C GLU B 110 6.81 -2.91 3.22
N MET B 111 7.70 -2.52 4.14
CA MET B 111 8.49 -1.32 3.93
C MET B 111 9.58 -1.47 2.90
N ILE B 112 10.00 -2.70 2.62
CA ILE B 112 11.12 -2.89 1.69
C ILE B 112 10.89 -2.14 0.37
N ALA B 113 9.68 -2.25 -0.18
CA ALA B 113 9.38 -1.61 -1.46
C ALA B 113 9.36 -0.08 -1.35
N ARG B 114 8.92 0.43 -0.20
CA ARG B 114 8.68 1.84 0.05
C ARG B 114 9.90 2.60 0.52
N TYR B 115 10.95 1.85 0.88
CA TYR B 115 12.11 2.41 1.59
C TYR B 115 13.37 1.73 1.02
N PRO B 116 13.68 2.05 -0.24
CA PRO B 116 14.66 1.24 -1.00
C PRO B 116 16.10 1.32 -0.53
N GLU B 117 16.46 2.34 0.25
CA GLU B 117 17.83 2.38 0.76
C GLU B 117 17.93 1.84 2.19
N MET B 118 16.90 1.14 2.67
CA MET B 118 16.98 0.39 3.91
C MET B 118 18.29 -0.40 3.93
N ARG B 119 19.06 -0.32 5.01
CA ARG B 119 20.35 -0.99 5.03
C ARG B 119 20.29 -2.43 5.51
N GLY B 120 19.19 -2.80 6.15
CA GLY B 120 18.99 -4.17 6.58
C GLY B 120 17.65 -4.25 7.30
N LEU B 121 17.10 -5.46 7.40
CA LEU B 121 15.86 -5.69 8.14
C LEU B 121 16.06 -6.89 9.04
N MET B 122 15.86 -6.72 10.35
CA MET B 122 15.82 -7.85 11.28
C MET B 122 14.39 -8.07 11.70
N ILE B 123 13.94 -9.32 11.63
CA ILE B 123 12.59 -9.68 12.05
C ILE B 123 12.61 -10.71 13.17
N THR B 124 11.82 -10.42 14.21
CA THR B 124 11.73 -11.26 15.39
C THR B 124 10.25 -11.47 15.69
N GLY B 125 9.84 -12.73 15.82
CA GLY B 125 8.43 -13.05 16.04
C GLY B 125 7.59 -12.99 14.78
N THR B 126 8.27 -13.11 13.63
CA THR B 126 7.65 -12.90 12.33
C THR B 126 8.01 -14.01 11.34
N PRO B 127 7.04 -14.83 10.94
CA PRO B 127 7.28 -15.76 9.83
C PRO B 127 6.81 -15.09 8.54
N PRO B 128 7.72 -14.89 7.56
CA PRO B 128 7.23 -14.37 6.28
C PRO B 128 6.31 -15.42 5.66
N VAL B 129 5.05 -15.07 5.46
CA VAL B 129 4.06 -16.02 4.95
C VAL B 129 3.17 -15.36 3.93
N ALA B 130 2.84 -16.12 2.89
CA ALA B 130 1.73 -15.77 2.03
C ALA B 130 0.46 -16.06 2.82
N ARG B 131 -0.66 -15.44 2.44
CA ARG B 131 -1.86 -15.57 3.26
C ARG B 131 -2.32 -17.03 3.41
N GLU B 132 -2.00 -17.85 2.42
N GLU B 132 -2.01 -17.86 2.43
CA GLU B 132 -2.37 -19.27 2.46
CA GLU B 132 -2.40 -19.27 2.50
C GLU B 132 -1.51 -20.07 3.43
C GLU B 132 -1.48 -20.09 3.39
N GLU B 133 -0.44 -19.45 3.92
CA GLU B 133 0.55 -20.14 4.75
C GLU B 133 0.45 -19.87 6.25
N VAL B 134 -0.60 -19.19 6.68
CA VAL B 134 -0.73 -18.81 8.09
C VAL B 134 -0.66 -20.01 9.05
N GLY B 135 -1.37 -21.08 8.72
CA GLY B 135 -1.35 -22.28 9.56
C GLY B 135 0.03 -22.89 9.69
N GLN B 136 0.83 -22.78 8.64
CA GLN B 136 2.19 -23.33 8.65
C GLN B 136 3.17 -22.45 9.43
N GLY B 137 2.98 -21.13 9.34
CA GLY B 137 3.91 -20.20 9.95
C GLY B 137 3.68 -19.94 11.41
N PHE B 138 2.42 -20.07 11.86
CA PHE B 138 2.05 -19.80 13.23
C PHE B 138 1.53 -21.05 13.95
N LYS B 139 1.80 -21.12 15.26
CA LYS B 139 1.24 -22.16 16.11
C LYS B 139 -0.23 -21.89 16.40
N SER B 140 -1.00 -22.95 16.64
CA SER B 140 -2.39 -22.82 17.05
C SER B 140 -2.51 -22.84 18.57
N GLY B 141 -2.04 -21.79 19.25
CA GLY B 141 -2.14 -21.72 20.69
C GLY B 141 -3.44 -21.14 21.18
N PRO B 142 -3.66 -21.13 22.51
CA PRO B 142 -4.91 -20.59 23.04
C PRO B 142 -5.06 -19.09 22.78
N ASP B 143 -3.95 -18.39 22.54
CA ASP B 143 -3.98 -16.94 22.31
C ASP B 143 -3.97 -16.56 20.84
N MET B 144 -3.98 -17.55 19.95
CA MET B 144 -3.88 -17.29 18.53
C MET B 144 -4.99 -16.36 18.04
N ALA B 145 -6.20 -16.61 18.53
CA ALA B 145 -7.38 -15.87 18.06
C ALA B 145 -7.37 -14.40 18.49
N LEU B 146 -6.63 -14.08 19.54
CA LEU B 146 -6.69 -12.72 20.06
C LEU B 146 -6.08 -11.69 19.12
N ALA B 147 -5.15 -12.11 18.29
CA ALA B 147 -4.44 -11.16 17.44
C ALA B 147 -5.39 -10.38 16.53
N GLY B 148 -6.51 -10.99 16.13
CA GLY B 148 -7.46 -10.33 15.26
C GLY B 148 -8.79 -10.04 15.92
N GLN B 149 -8.84 -10.14 17.25
CA GLN B 149 -10.09 -9.98 17.97
C GLN B 149 -10.25 -8.54 18.46
N GLU B 150 -11.34 -7.88 18.05
CA GLU B 150 -11.52 -6.48 18.40
C GLU B 150 -11.70 -6.24 19.89
N ILE B 151 -12.62 -6.98 20.50
CA ILE B 151 -12.97 -6.74 21.90
C ILE B 151 -12.21 -7.69 22.81
N PHE B 152 -11.45 -7.11 23.74
CA PHE B 152 -10.73 -7.87 24.76
C PHE B 152 -11.42 -7.71 26.10
N SER B 153 -11.65 -8.81 26.80
CA SER B 153 -12.01 -8.79 28.22
C SER B 153 -10.75 -8.47 29.01
N GLU B 154 -10.90 -8.27 30.32
CA GLU B 154 -9.71 -8.09 31.14
C GLU B 154 -8.78 -9.30 31.10
N ARG B 155 -9.35 -10.51 31.09
CA ARG B 155 -8.53 -11.71 30.99
CA ARG B 155 -8.53 -11.72 31.00
C ARG B 155 -7.83 -11.80 29.64
N ASP B 156 -8.50 -11.37 28.58
CA ASP B 156 -7.87 -11.33 27.25
C ASP B 156 -6.65 -10.41 27.27
N VAL B 157 -6.81 -9.23 27.86
CA VAL B 157 -5.70 -8.28 27.93
C VAL B 157 -4.50 -8.93 28.61
N GLU B 158 -4.74 -9.57 29.74
CA GLU B 158 -3.65 -10.17 30.49
C GLU B 158 -3.03 -11.36 29.77
N SER B 159 -3.86 -12.25 29.23
CA SER B 159 -3.32 -13.42 28.53
C SER B 159 -2.49 -12.99 27.33
N TYR B 160 -3.02 -12.05 26.57
CA TYR B 160 -2.30 -11.56 25.39
C TYR B 160 -0.99 -10.91 25.79
N ALA B 161 -1.02 -10.04 26.80
CA ALA B 161 0.18 -9.34 27.24
C ALA B 161 1.24 -10.31 27.72
N ARG B 162 0.83 -11.29 28.51
CA ARG B 162 1.81 -12.24 29.06
C ARG B 162 2.43 -13.12 27.97
N SER B 163 1.63 -13.59 27.02
CA SER B 163 2.14 -14.43 25.94
CA SER B 163 2.16 -14.43 25.96
C SER B 163 3.05 -13.67 24.97
N THR B 164 2.70 -12.43 24.67
CA THR B 164 3.46 -11.69 23.68
CA THR B 164 3.41 -11.64 23.69
C THR B 164 4.70 -11.04 24.27
N CYS B 165 4.62 -10.55 25.51
CA CYS B 165 5.75 -9.85 26.09
C CYS B 165 6.65 -10.70 26.97
N GLY B 166 6.09 -11.77 27.52
CA GLY B 166 6.84 -12.66 28.39
C GLY B 166 7.45 -11.98 29.61
N GLU B 167 8.48 -12.60 30.14
CA GLU B 167 9.14 -12.09 31.34
C GLU B 167 10.12 -10.98 30.98
N PRO B 168 10.27 -10.00 31.87
CA PRO B 168 9.57 -9.84 33.14
C PRO B 168 8.24 -9.15 32.91
N PHE B 169 7.18 -9.66 33.51
CA PHE B 169 5.90 -9.05 33.30
C PHE B 169 5.66 -7.95 34.29
N GLU B 170 4.94 -6.91 33.89
CA GLU B 170 4.49 -5.93 34.84
C GLU B 170 3.21 -5.27 34.38
N ALA B 171 2.55 -4.60 35.32
CA ALA B 171 1.20 -4.10 35.11
C ALA B 171 1.10 -3.11 33.96
N SER B 172 2.14 -2.30 33.75
CA SER B 172 2.11 -1.29 32.70
C SER B 172 1.88 -1.91 31.32
N LEU B 173 2.28 -3.16 31.14
CA LEU B 173 2.07 -3.86 29.88
C LEU B 173 0.58 -4.05 29.60
N LEU B 174 -0.21 -4.28 30.65
CA LEU B 174 -1.65 -4.40 30.49
C LEU B 174 -2.23 -3.11 29.97
N ASP B 175 -1.73 -1.98 30.48
CA ASP B 175 -2.24 -0.67 30.08
C ASP B 175 -1.99 -0.42 28.60
N ILE B 176 -0.83 -0.83 28.11
CA ILE B 176 -0.49 -0.66 26.71
C ILE B 176 -1.45 -1.45 25.82
N VAL B 177 -1.63 -2.72 26.16
CA VAL B 177 -2.51 -3.60 25.39
C VAL B 177 -3.95 -3.09 25.44
N ALA B 178 -4.40 -2.69 26.64
CA ALA B 178 -5.77 -2.22 26.80
C ALA B 178 -6.04 -0.92 26.03
N ARG B 179 -5.04 -0.06 25.86
CA ARG B 179 -5.23 1.19 25.12
C ARG B 179 -5.53 0.95 23.65
N THR B 180 -4.92 -0.09 23.08
CA THR B 180 -4.95 -0.29 21.63
C THR B 180 -6.37 -0.20 21.08
N ASP B 181 -6.51 0.53 19.97
CA ASP B 181 -7.76 0.57 19.23
C ASP B 181 -8.05 -0.84 18.71
N GLY B 182 -9.04 -1.51 19.29
CA GLY B 182 -9.29 -2.90 18.93
C GLY B 182 -9.67 -3.09 17.47
N ARG B 183 -10.20 -2.05 16.85
CA ARG B 183 -10.49 -2.11 15.42
C ARG B 183 -9.23 -2.45 14.62
N ALA B 184 -8.08 -2.02 15.11
CA ALA B 184 -6.82 -2.25 14.42
C ALA B 184 -6.49 -3.74 14.36
N ARG B 185 -6.81 -4.48 15.42
CA ARG B 185 -6.57 -5.92 15.42
C ARG B 185 -7.43 -6.61 14.36
N ARG B 186 -8.72 -6.32 14.39
CA ARG B 186 -9.67 -6.96 13.47
C ARG B 186 -9.34 -6.62 12.02
N ILE B 187 -9.10 -5.35 11.73
CA ILE B 187 -8.91 -4.92 10.35
C ILE B 187 -7.59 -5.42 9.80
N MET B 188 -6.54 -5.34 10.59
CA MET B 188 -5.25 -5.83 10.14
C MET B 188 -5.33 -7.31 9.78
N PHE B 189 -5.98 -8.09 10.63
N PHE B 189 -5.97 -8.11 10.63
CA PHE B 189 -6.09 -9.52 10.45
CA PHE B 189 -6.12 -9.54 10.35
C PHE B 189 -6.91 -9.87 9.20
C PHE B 189 -6.94 -9.80 9.09
N GLU B 190 -8.03 -9.20 9.03
N GLU B 190 -8.04 -9.07 8.95
CA GLU B 190 -8.89 -9.44 7.88
CA GLU B 190 -8.90 -9.23 7.78
C GLU B 190 -8.20 -9.05 6.58
C GLU B 190 -8.15 -8.88 6.50
N LYS B 191 -7.45 -7.96 6.61
N LYS B 191 -7.38 -7.80 6.53
CA LYS B 191 -6.84 -7.46 5.39
CA LYS B 191 -6.64 -7.38 5.35
C LYS B 191 -5.73 -8.35 4.92
C LYS B 191 -5.52 -8.37 5.03
N PHE B 192 -5.01 -8.93 5.87
N PHE B 192 -4.83 -8.85 6.06
CA PHE B 192 -4.07 -9.95 5.51
CA PHE B 192 -3.75 -9.81 5.87
C PHE B 192 -4.80 -11.14 4.88
C PHE B 192 -4.25 -11.09 5.20
N GLY B 193 -5.89 -11.58 5.50
N GLY B 193 -5.54 -11.38 5.35
CA GLY B 193 -6.67 -12.69 4.97
CA GLY B 193 -6.14 -12.56 4.77
C GLY B 193 -7.21 -12.40 3.58
C GLY B 193 -6.81 -12.31 3.43
N SER B 194 -7.38 -11.11 3.27
CA SER B 194 -7.93 -10.69 1.99
C SER B 194 -6.83 -10.39 0.97
N GLY B 195 -5.58 -10.66 1.34
CA GLY B 195 -4.47 -10.44 0.42
C GLY B 195 -4.29 -9.02 -0.08
N THR B 196 -4.42 -8.04 0.81
CA THR B 196 -4.46 -6.67 0.34
C THR B 196 -3.08 -6.06 0.10
N GLY B 197 -2.04 -6.61 0.74
CA GLY B 197 -0.69 -6.14 0.54
C GLY B 197 0.13 -7.10 -0.31
N GLY B 198 1.43 -6.87 -0.35
CA GLY B 198 2.32 -7.70 -1.13
C GLY B 198 2.49 -9.09 -0.51
N ASN B 199 2.87 -10.05 -1.34
CA ASN B 199 3.10 -11.41 -0.90
C ASN B 199 4.43 -11.46 -0.17
N GLN B 200 4.40 -11.68 1.14
CA GLN B 200 5.60 -11.55 1.94
C GLN B 200 6.62 -12.64 1.69
N ARG B 201 6.15 -13.82 1.30
CA ARG B 201 7.05 -14.89 0.92
C ARG B 201 7.88 -14.47 -0.29
N ASP B 202 7.22 -13.92 -1.31
CA ASP B 202 7.93 -13.47 -2.49
C ASP B 202 8.83 -12.28 -2.20
N ILE B 203 8.34 -11.35 -1.37
CA ILE B 203 9.11 -10.16 -1.08
C ILE B 203 10.45 -10.52 -0.44
N VAL B 204 10.44 -11.38 0.58
CA VAL B 204 11.71 -11.70 1.24
C VAL B 204 12.63 -12.53 0.34
N ALA B 205 12.06 -13.37 -0.53
CA ALA B 205 12.88 -14.15 -1.45
C ALA B 205 13.62 -13.25 -2.42
N GLU B 206 12.98 -12.16 -2.82
CA GLU B 206 13.51 -11.28 -3.86
C GLU B 206 14.31 -10.12 -3.31
N ALA B 207 14.20 -9.87 -2.01
CA ALA B 207 14.88 -8.74 -1.38
C ALA B 207 16.37 -8.99 -1.31
N GLN B 208 17.15 -8.01 -1.75
CA GLN B 208 18.60 -8.14 -1.79
C GLN B 208 19.32 -7.65 -0.54
N LEU B 209 18.65 -6.81 0.24
CA LEU B 209 19.26 -6.33 1.47
C LEU B 209 19.39 -7.47 2.47
N PRO B 210 20.31 -7.34 3.43
CA PRO B 210 20.41 -8.38 4.45
C PRO B 210 19.14 -8.45 5.29
N ILE B 211 18.60 -9.65 5.44
CA ILE B 211 17.49 -9.89 6.35
C ILE B 211 17.96 -10.85 7.43
N ALA B 212 17.86 -10.40 8.67
CA ALA B 212 18.22 -11.21 9.83
C ALA B 212 16.94 -11.73 10.48
N VAL B 213 17.02 -12.97 10.98
CA VAL B 213 15.90 -13.62 11.64
C VAL B 213 16.38 -14.08 13.00
N VAL B 214 15.76 -13.57 14.06
CA VAL B 214 16.16 -13.89 15.42
C VAL B 214 14.89 -14.12 16.26
N ASN B 215 14.78 -15.29 16.89
CA ASN B 215 13.60 -15.62 17.67
C ASN B 215 13.94 -16.27 18.99
N GLY B 216 13.07 -16.10 19.98
CA GLY B 216 13.16 -16.86 21.21
C GLY B 216 12.66 -18.27 20.99
N ARG B 217 13.37 -19.24 21.56
CA ARG B 217 13.01 -20.63 21.40
C ARG B 217 11.63 -20.97 21.95
N ASP B 218 11.21 -20.25 22.98
CA ASP B 218 9.99 -20.58 23.70
C ASP B 218 8.80 -19.70 23.32
N GLY B 219 8.93 -18.93 22.24
CA GLY B 219 7.83 -18.10 21.77
C GLY B 219 6.61 -18.95 21.44
N PRO B 220 5.42 -18.50 21.86
CA PRO B 220 4.24 -19.34 21.64
C PRO B 220 3.58 -19.15 20.28
N PHE B 221 4.11 -18.28 19.43
CA PHE B 221 3.41 -17.93 18.20
C PHE B 221 4.05 -18.44 16.90
N VAL B 222 5.35 -18.32 16.78
CA VAL B 222 6.03 -18.62 15.52
C VAL B 222 6.48 -20.07 15.42
N GLU B 223 6.21 -20.71 14.28
CA GLU B 223 6.75 -22.04 14.01
C GLU B 223 8.18 -21.90 13.55
N LEU B 224 9.13 -22.18 14.43
CA LEU B 224 10.53 -21.94 14.13
C LEU B 224 11.06 -22.83 13.00
N ASP B 225 10.53 -24.04 12.90
CA ASP B 225 10.94 -24.94 11.82
C ASP B 225 10.49 -24.40 10.46
N PHE B 226 9.30 -23.83 10.41
CA PHE B 226 8.83 -23.20 9.18
C PHE B 226 9.74 -22.05 8.79
N VAL B 227 10.05 -21.19 9.74
CA VAL B 227 10.87 -20.03 9.44
C VAL B 227 12.25 -20.43 8.94
N SER B 228 12.78 -21.53 9.46
CA SER B 228 14.10 -22.00 9.03
C SER B 228 14.10 -22.55 7.59
N LYS B 229 12.92 -22.69 6.98
CA LYS B 229 12.82 -23.18 5.61
C LYS B 229 12.51 -22.08 4.61
N VAL B 230 12.20 -20.88 5.09
CA VAL B 230 11.87 -19.76 4.22
C VAL B 230 13.09 -19.32 3.42
N LYS B 231 12.87 -19.08 2.13
CA LYS B 231 13.94 -18.59 1.27
C LYS B 231 14.03 -17.07 1.34
N PHE B 232 15.21 -16.58 1.69
CA PHE B 232 15.49 -15.15 1.68
C PHE B 232 16.51 -14.85 0.60
N GLY B 233 16.42 -13.67 0.01
CA GLY B 233 17.42 -13.27 -0.97
C GLY B 233 18.82 -13.18 -0.39
N ASN B 234 18.91 -12.78 0.88
CA ASN B 234 20.18 -12.52 1.52
C ASN B 234 20.00 -12.70 3.03
N LEU B 235 19.99 -13.94 3.47
CA LEU B 235 19.77 -14.27 4.87
C LEU B 235 21.05 -14.00 5.67
N TRP B 236 20.95 -13.10 6.65
CA TRP B 236 22.12 -12.71 7.42
C TRP B 236 22.73 -13.89 8.17
N GLU B 237 24.02 -14.12 7.93
CA GLU B 237 24.78 -15.23 8.50
C GLU B 237 24.28 -16.61 8.07
N GLY B 238 23.41 -16.62 7.06
CA GLY B 238 23.07 -17.86 6.39
C GLY B 238 22.18 -18.80 7.16
N LYS B 239 21.60 -18.30 8.26
CA LYS B 239 20.71 -19.14 9.06
C LYS B 239 19.76 -18.26 9.86
N THR B 240 18.69 -18.86 10.34
CA THR B 240 17.82 -18.21 11.30
C THR B 240 18.35 -18.52 12.70
N HIS B 241 18.26 -17.54 13.59
CA HIS B 241 18.87 -17.63 14.90
C HIS B 241 17.82 -17.82 15.98
N VAL B 242 18.18 -18.61 16.99
CA VAL B 242 17.27 -18.92 18.08
C VAL B 242 17.97 -18.68 19.41
N ILE B 243 17.31 -17.92 20.28
CA ILE B 243 17.81 -17.64 21.61
C ILE B 243 17.10 -18.55 22.61
N ASP B 244 17.86 -19.42 23.25
CA ASP B 244 17.26 -20.36 24.19
C ASP B 244 16.67 -19.66 25.40
N ASN B 245 15.61 -20.25 25.94
CA ASN B 245 15.01 -19.77 27.19
C ASN B 245 14.49 -18.34 27.08
N ALA B 246 14.07 -17.94 25.89
CA ALA B 246 13.42 -16.66 25.70
C ALA B 246 12.16 -16.91 24.90
N GLY B 247 11.15 -16.09 25.15
CA GLY B 247 9.88 -16.21 24.46
C GLY B 247 9.79 -15.29 23.25
N HIS B 248 8.60 -14.75 23.04
CA HIS B 248 8.28 -13.98 21.84
C HIS B 248 9.03 -12.66 21.74
N ALA B 249 9.48 -12.14 22.88
CA ALA B 249 10.11 -10.82 22.98
C ALA B 249 11.52 -10.89 23.57
N PRO B 250 12.46 -11.53 22.84
CA PRO B 250 13.79 -11.71 23.42
C PRO B 250 14.55 -10.41 23.69
N PHE B 251 14.19 -9.33 22.99
CA PHE B 251 14.81 -8.03 23.20
C PHE B 251 14.57 -7.47 24.61
N ARG B 252 13.51 -7.90 25.29
CA ARG B 252 13.27 -7.48 26.67
C ARG B 252 13.53 -8.60 27.68
N GLU B 253 13.34 -9.85 27.27
CA GLU B 253 13.53 -10.99 28.14
CA GLU B 253 13.55 -10.98 28.16
C GLU B 253 15.02 -11.30 28.33
N ALA B 254 15.81 -11.10 27.28
CA ALA B 254 17.23 -11.41 27.29
C ALA B 254 18.00 -10.33 26.55
N PRO B 255 17.98 -9.09 27.07
CA PRO B 255 18.54 -8.00 26.27
C PRO B 255 20.00 -8.19 25.88
N ALA B 256 20.85 -8.70 26.78
CA ALA B 256 22.25 -8.84 26.41
C ALA B 256 22.43 -9.80 25.23
N GLU B 257 21.76 -10.94 25.26
CA GLU B 257 21.86 -11.92 24.18
CA GLU B 257 21.87 -11.92 24.19
C GLU B 257 21.28 -11.37 22.88
N PHE B 258 20.10 -10.78 22.97
CA PHE B 258 19.48 -10.20 21.80
C PHE B 258 20.33 -9.06 21.22
N ASP B 259 20.83 -8.21 22.10
CA ASP B 259 21.60 -7.05 21.67
C ASP B 259 22.89 -7.45 20.96
N ALA B 260 23.46 -8.59 21.33
CA ALA B 260 24.64 -9.08 20.61
C ALA B 260 24.32 -9.30 19.13
N TYR B 261 23.19 -9.93 18.87
CA TYR B 261 22.74 -10.11 17.49
C TYR B 261 22.47 -8.78 16.80
N LEU B 262 21.71 -7.91 17.46
CA LEU B 262 21.31 -6.65 16.85
C LEU B 262 22.54 -5.77 16.55
N ALA B 263 23.45 -5.67 17.52
CA ALA B 263 24.66 -4.86 17.31
C ALA B 263 25.49 -5.41 16.15
N ARG B 264 25.65 -6.72 16.10
CA ARG B 264 26.45 -7.31 15.03
C ARG B 264 25.81 -7.07 13.67
N PHE B 265 24.48 -7.20 13.63
CA PHE B 265 23.74 -6.96 12.41
C PHE B 265 23.86 -5.51 11.96
N ILE B 266 23.68 -4.56 12.88
CA ILE B 266 23.82 -3.16 12.52
C ILE B 266 25.23 -2.87 12.00
N ARG B 267 26.25 -3.35 12.71
CA ARG B 267 27.62 -3.18 12.25
C ARG B 267 27.78 -3.73 10.82
N ASP B 268 27.31 -4.95 10.60
CA ASP B 268 27.44 -5.58 9.30
C ASP B 268 26.73 -4.79 8.19
N CYS B 269 25.59 -4.18 8.51
CA CYS B 269 24.78 -3.47 7.51
C CYS B 269 25.27 -2.06 7.23
N THR B 270 26.10 -1.52 8.13
CA THR B 270 26.43 -0.10 8.04
C THR B 270 27.93 0.17 7.94
N GLN B 271 28.76 -0.78 8.36
CA GLN B 271 30.19 -0.51 8.51
C GLN B 271 31.09 -1.50 7.79
N LEU B 272 30.53 -2.33 6.93
CA LEU B 272 31.33 -3.28 6.13
C LEU B 272 31.45 -2.86 4.67
N GLU B 273 32.52 -3.31 4.04
CA GLU B 273 32.73 -3.12 2.61
C GLU B 273 31.69 -3.95 1.86
N HIS B 274 31.24 -3.47 0.71
CA HIS B 274 30.29 -4.24 -0.07
C HIS B 274 30.61 -4.32 -1.56
N HIS B 275 30.42 -5.51 -2.08
CA HIS B 275 30.58 -5.78 -3.50
C HIS B 275 29.36 -6.59 -3.90
N HIS B 276 28.85 -6.32 -5.10
CA HIS B 276 27.77 -7.11 -5.66
C HIS B 276 28.21 -8.57 -5.82
#